data_5MU9
#
_entry.id   5MU9
#
_cell.length_a   120.934
_cell.length_b   120.934
_cell.length_c   99.851
_cell.angle_alpha   90.00
_cell.angle_beta   90.00
_cell.angle_gamma   120.00
#
_symmetry.space_group_name_H-M   'P 63 2 2'
#
loop_
_entity.id
_entity.type
_entity.pdbx_description
1 polymer Agglutinin
2 branched alpha-L-fucopyranose-(1-2)-[alpha-D-galactopyranose-(1-3)]beta-D-galactopyranose
3 branched alpha-L-fucopyranose-(1-2)-[alpha-D-galactopyranose-(1-3)]alpha-D-galactopyranose
4 non-polymer 1,2-ETHANEDIOL
5 non-polymer 'ACETATE ION'
6 non-polymer N-[N-[1-HYDROXYCARBOXYETHYL-CARBONYL]LEUCYLAMINO-BUTYL]-GUANIDINE
7 non-polymer 'CALCIUM ION'
8 non-polymer 'SODIUM ION'
9 water water
#
_entity_poly.entity_id   1
_entity_poly.type   'polypeptide(L)'
_entity_poly.pdbx_seq_one_letter_code
;MSLRRGIYHIENAGVPSAIDLKDGSSSDGTPIVGWQFTPDTINWHQLWLAEPIPNVADTFTLANLFSGTYMDLYNGSSEA
GTAVNGWQGTAFTTNPHQLWTIKKSSDGTSYKIQNYGSKTFVDLVNGDSSDGAKIAGWTGTWDEGNPHQKWYFNRMSVSS
AEAQAAIARNPHIHGTYRGYILDGEYLVLPNATFTQIWKDSGLPGSKWREQIYDCDDFAIAMKAAVGKWGADSWKANGFA
IFCGVMLGVNKAGDAAHAYNFTLTKDHADIVFFEPQNGGYLNDIGYDSYMAFY
;
_entity_poly.pdbx_strand_id   A
#
# COMPACT_ATOMS: atom_id res chain seq x y z
N SER A 2 10.03 -12.65 -7.99
CA SER A 2 10.62 -11.35 -7.64
C SER A 2 9.53 -10.52 -6.93
N LEU A 3 9.94 -9.72 -5.97
CA LEU A 3 9.00 -8.79 -5.37
C LEU A 3 8.35 -7.87 -6.48
N ARG A 4 7.03 -7.70 -6.40
CA ARG A 4 6.30 -6.82 -7.34
C ARG A 4 6.35 -5.36 -6.90
N ARG A 5 6.30 -4.48 -7.87
CA ARG A 5 6.05 -3.07 -7.59
C ARG A 5 4.85 -2.98 -6.66
N GLY A 6 4.91 -2.11 -5.68
CA GLY A 6 3.74 -1.97 -4.82
C GLY A 6 4.11 -1.32 -3.52
N ILE A 7 3.09 -1.24 -2.65
CA ILE A 7 3.22 -0.66 -1.28
C ILE A 7 3.27 -1.73 -0.27
N TYR A 8 4.27 -1.68 0.63
CA TYR A 8 4.46 -2.79 1.63
C TYR A 8 4.58 -2.23 3.03
N HIS A 9 4.06 -2.99 3.97
CA HIS A 9 4.35 -2.87 5.37
C HIS A 9 5.42 -3.94 5.64
N ILE A 10 6.58 -3.54 6.12
CA ILE A 10 7.74 -4.45 6.20
C ILE A 10 8.04 -4.79 7.65
N GLU A 11 7.81 -6.08 7.96
CA GLU A 11 7.75 -6.54 9.37
C GLU A 11 8.91 -7.54 9.65
N ASN A 12 9.71 -7.27 10.70
CA ASN A 12 10.75 -8.20 11.02
C ASN A 12 10.25 -9.62 11.25
N ALA A 13 11.10 -10.63 10.86
CA ALA A 13 10.64 -12.00 10.97
C ALA A 13 10.74 -12.56 12.37
N GLY A 14 11.63 -11.97 13.18
CA GLY A 14 11.79 -12.51 14.57
C GLY A 14 10.98 -11.85 15.64
N VAL A 15 10.61 -10.55 15.50
CA VAL A 15 9.80 -9.83 16.50
C VAL A 15 8.86 -8.93 15.66
N PRO A 16 7.68 -8.59 16.19
CA PRO A 16 6.65 -7.88 15.39
C PRO A 16 6.91 -6.36 15.40
N SER A 17 8.04 -6.03 14.84
CA SER A 17 8.47 -4.61 14.63
C SER A 17 8.49 -4.36 13.13
N ALA A 18 7.86 -3.25 12.74
CA ALA A 18 7.86 -2.82 11.36
C ALA A 18 8.93 -1.79 11.14
N ILE A 19 9.32 -1.69 9.87
CA ILE A 19 10.26 -0.68 9.45
C ILE A 19 9.54 0.71 9.42
N ASP A 20 10.04 1.64 10.25
CA ASP A 20 9.29 2.86 10.54
C ASP A 20 10.21 4.04 10.30
N LEU A 21 9.76 5.02 9.51
CA LEU A 21 10.53 6.27 9.37
C LEU A 21 10.13 7.18 10.51
N LYS A 22 11.05 7.45 11.41
CA LYS A 22 10.73 8.04 12.72
C LYS A 22 9.99 9.38 12.57
N ASP A 23 8.83 9.41 13.23
CA ASP A 23 7.92 10.58 13.18
C ASP A 23 7.42 10.92 11.79
N GLY A 24 7.64 10.04 10.83
CA GLY A 24 7.30 10.37 9.45
C GLY A 24 8.08 11.55 8.87
N SER A 25 9.19 11.95 9.47
CA SER A 25 9.84 13.17 9.12
C SER A 25 10.49 13.14 7.77
N SER A 26 10.27 14.21 6.94
CA SER A 26 10.99 14.33 5.67
CA SER A 26 10.94 14.42 5.67
C SER A 26 12.38 14.90 5.78
N SER A 27 12.89 15.19 6.99
CA SER A 27 14.25 15.70 7.05
C SER A 27 15.25 14.65 6.58
N ASP A 28 16.25 15.11 5.84
CA ASP A 28 17.34 14.20 5.49
C ASP A 28 17.96 13.68 6.75
N GLY A 29 18.26 12.39 6.79
CA GLY A 29 18.91 11.77 7.93
C GLY A 29 18.02 11.32 9.05
N THR A 30 16.70 11.37 8.82
CA THR A 30 15.73 10.90 9.80
C THR A 30 15.96 9.35 10.01
N PRO A 31 16.09 8.91 11.26
CA PRO A 31 16.36 7.49 11.37
C PRO A 31 15.17 6.62 10.98
N ILE A 32 15.54 5.43 10.42
CA ILE A 32 14.54 4.34 10.17
C ILE A 32 14.81 3.35 11.27
N VAL A 33 13.70 3.02 11.93
CA VAL A 33 13.71 2.27 13.22
C VAL A 33 12.70 1.16 13.22
N GLY A 34 12.87 0.19 14.15
CA GLY A 34 11.79 -0.76 14.32
C GLY A 34 10.74 -0.14 15.28
N TRP A 35 9.47 -0.51 15.03
CA TRP A 35 8.35 0.06 15.86
C TRP A 35 7.17 -0.90 15.77
N GLN A 36 6.44 -1.01 16.86
CA GLN A 36 5.21 -1.86 16.86
C GLN A 36 4.18 -1.25 15.98
N PHE A 37 3.18 -2.08 15.62
CA PHE A 37 2.16 -1.68 14.67
C PHE A 37 0.82 -2.24 15.06
N THR A 38 -0.25 -1.73 14.39
CA THR A 38 -1.60 -2.23 14.70
C THR A 38 -2.11 -2.83 13.39
N PRO A 39 -2.46 -4.11 13.34
CA PRO A 39 -2.97 -4.71 12.12
C PRO A 39 -4.29 -4.10 11.72
N ASP A 40 -4.57 -4.09 10.41
CA ASP A 40 -5.88 -3.59 9.95
C ASP A 40 -6.13 -2.11 10.20
N THR A 41 -5.02 -1.38 10.21
CA THR A 41 -4.97 0.11 10.23
C THR A 41 -4.06 0.59 9.11
N ILE A 42 -4.15 1.90 8.80
CA ILE A 42 -3.07 2.59 8.18
C ILE A 42 -2.02 2.91 9.23
N ASN A 43 -0.83 2.28 9.04
CA ASN A 43 0.32 2.54 9.92
C ASN A 43 1.10 3.61 9.20
N TRP A 44 0.82 4.87 9.59
CA TRP A 44 1.17 6.07 8.85
C TRP A 44 2.66 6.28 8.49
N HIS A 45 3.61 5.81 9.35
CA HIS A 45 4.99 6.02 9.13
C HIS A 45 5.71 4.74 8.59
N GLN A 46 4.90 3.70 8.26
CA GLN A 46 5.44 2.35 8.05
C GLN A 46 5.06 1.79 6.67
N LEU A 47 4.73 2.64 5.71
CA LEU A 47 4.41 2.16 4.38
C LEU A 47 5.46 2.60 3.40
N TRP A 48 5.85 1.62 2.53
CA TRP A 48 6.96 1.81 1.62
C TRP A 48 6.64 1.40 0.21
N LEU A 49 6.80 2.31 -0.75
CA LEU A 49 6.57 2.06 -2.13
C LEU A 49 7.86 1.57 -2.80
N ALA A 50 7.78 0.30 -3.26
CA ALA A 50 8.93 -0.36 -3.95
C ALA A 50 8.77 -0.10 -5.45
N GLU A 51 9.74 0.61 -5.97
CA GLU A 51 9.82 0.92 -7.42
CA GLU A 51 9.81 0.89 -7.43
C GLU A 51 10.96 0.08 -8.06
N PRO A 52 10.63 -0.88 -8.94
CA PRO A 52 11.70 -1.59 -9.61
C PRO A 52 12.52 -0.73 -10.52
N ILE A 53 13.83 -0.97 -10.46
CA ILE A 53 14.72 -0.38 -11.37
C ILE A 53 14.85 -1.20 -12.66
N PRO A 54 14.74 -0.48 -13.81
N PRO A 54 14.24 -0.81 -13.79
CA PRO A 54 14.93 -1.07 -15.14
CA PRO A 54 14.04 -1.86 -14.83
C PRO A 54 16.34 -1.63 -15.33
C PRO A 54 15.25 -2.64 -15.36
N ASN A 55 16.36 -2.88 -15.79
N ASN A 55 16.42 -2.01 -15.45
CA ASN A 55 17.59 -3.63 -16.10
CA ASN A 55 17.63 -2.67 -16.01
C ASN A 55 18.54 -3.77 -14.94
C ASN A 55 18.29 -3.67 -15.00
N VAL A 56 17.96 -3.91 -13.76
N VAL A 56 18.06 -3.41 -13.69
CA VAL A 56 18.75 -4.18 -12.56
CA VAL A 56 18.74 -4.12 -12.57
C VAL A 56 17.96 -5.13 -11.73
C VAL A 56 17.85 -5.13 -11.86
N ALA A 57 18.20 -6.42 -11.96
CA ALA A 57 17.37 -7.45 -11.44
C ALA A 57 17.14 -7.35 -9.92
N ASP A 58 15.88 -7.47 -9.52
CA ASP A 58 15.50 -7.55 -8.11
C ASP A 58 15.91 -6.33 -7.31
N THR A 59 16.04 -5.17 -7.94
CA THR A 59 16.59 -4.01 -7.26
C THR A 59 15.56 -2.87 -7.41
N PHE A 60 15.43 -2.13 -6.30
CA PHE A 60 14.33 -1.17 -6.06
C PHE A 60 14.79 0.08 -5.33
N THR A 61 14.04 1.21 -5.51
CA THR A 61 14.04 2.19 -4.46
C THR A 61 12.84 1.85 -3.54
N LEU A 62 12.99 2.37 -2.31
CA LEU A 62 11.97 2.27 -1.26
C LEU A 62 11.64 3.61 -0.71
N ALA A 63 10.48 4.17 -1.17
CA ALA A 63 10.03 5.50 -0.80
C ALA A 63 9.05 5.38 0.37
N ASN A 64 9.25 6.13 1.42
CA ASN A 64 8.24 6.16 2.46
C ASN A 64 6.98 6.90 1.93
N LEU A 65 5.82 6.24 2.10
CA LEU A 65 4.62 6.77 1.47
C LEU A 65 4.26 8.11 2.05
N PHE A 66 4.43 8.27 3.34
CA PHE A 66 4.10 9.51 4.02
C PHE A 66 5.08 10.66 3.74
N SER A 67 6.39 10.40 3.87
CA SER A 67 7.30 11.46 3.68
C SER A 67 7.78 11.79 2.24
N GLY A 68 7.62 10.83 1.37
CA GLY A 68 8.21 10.87 0.08
C GLY A 68 9.71 10.83 0.00
N THR A 69 10.39 10.53 1.15
CA THR A 69 11.80 10.36 1.15
C THR A 69 12.16 8.89 1.09
N TYR A 70 13.43 8.61 0.82
CA TYR A 70 13.90 7.29 0.43
C TYR A 70 14.79 6.59 1.43
N MET A 71 14.58 5.27 1.60
CA MET A 71 15.54 4.52 2.45
C MET A 71 16.97 4.64 1.92
N ASP A 72 17.90 5.11 2.77
CA ASP A 72 19.22 5.51 2.35
C ASP A 72 20.22 4.95 3.35
N LEU A 73 21.24 4.27 2.83
CA LEU A 73 22.35 3.77 3.65
C LEU A 73 23.39 4.90 3.72
N TYR A 74 23.68 5.37 4.92
CA TYR A 74 24.46 6.58 5.10
C TYR A 74 25.83 6.50 4.50
N ASN A 75 26.09 7.40 3.55
CA ASN A 75 27.37 7.48 2.78
C ASN A 75 27.74 6.13 2.14
N GLY A 76 26.75 5.24 1.98
CA GLY A 76 26.99 3.95 1.30
C GLY A 76 27.95 3.03 2.05
N SER A 77 28.22 3.26 3.33
CA SER A 77 29.30 2.49 3.97
C SER A 77 28.94 1.05 4.17
N SER A 78 29.93 0.17 3.95
CA SER A 78 29.76 -1.26 4.19
C SER A 78 30.13 -1.64 5.61
N GLU A 79 30.44 -0.66 6.48
CA GLU A 79 30.69 -0.98 7.89
CA GLU A 79 30.68 -1.02 7.89
C GLU A 79 29.40 -1.47 8.55
N ALA A 80 29.48 -2.51 9.35
CA ALA A 80 28.35 -2.97 10.19
C ALA A 80 27.97 -1.89 11.16
N GLY A 81 26.67 -1.58 11.20
CA GLY A 81 26.15 -0.57 12.15
C GLY A 81 25.87 0.76 11.46
N THR A 82 26.13 0.84 10.16
CA THR A 82 25.87 2.06 9.37
C THR A 82 24.40 2.45 9.44
N ALA A 83 24.16 3.72 9.64
CA ALA A 83 22.81 4.21 9.68
C ALA A 83 21.97 3.98 8.44
N VAL A 84 20.72 3.62 8.66
CA VAL A 84 19.70 3.58 7.57
C VAL A 84 18.68 4.65 7.93
N ASN A 85 18.49 5.63 7.05
CA ASN A 85 17.75 6.82 7.27
C ASN A 85 16.84 7.11 6.06
N GLY A 86 15.87 7.99 6.30
CA GLY A 86 15.22 8.60 5.13
C GLY A 86 16.04 9.74 4.59
N TRP A 87 15.99 9.93 3.26
CA TRP A 87 16.79 10.96 2.61
C TRP A 87 16.11 11.34 1.28
N GLN A 88 16.25 12.60 0.89
CA GLN A 88 15.67 13.02 -0.35
C GLN A 88 16.24 12.18 -1.53
N GLY A 89 15.37 11.91 -2.52
CA GLY A 89 15.81 11.15 -3.69
C GLY A 89 14.75 11.13 -4.80
N THR A 90 14.90 10.23 -5.74
CA THR A 90 13.87 10.01 -6.79
C THR A 90 13.72 8.52 -7.08
N ALA A 91 12.62 8.16 -7.75
CA ALA A 91 12.18 6.79 -7.89
C ALA A 91 13.14 5.95 -8.63
N PHE A 92 13.84 6.51 -9.61
CA PHE A 92 14.73 5.75 -10.47
C PHE A 92 16.20 6.30 -10.37
N THR A 93 16.58 6.72 -9.20
CA THR A 93 17.90 7.26 -8.96
C THR A 93 19.00 6.23 -9.30
N THR A 94 20.20 6.75 -9.64
CA THR A 94 21.37 5.92 -9.84
C THR A 94 22.20 5.96 -8.51
N ASN A 95 21.74 6.62 -7.45
CA ASN A 95 22.54 6.73 -6.23
C ASN A 95 22.45 5.35 -5.52
N PRO A 96 23.59 4.63 -5.38
CA PRO A 96 23.50 3.28 -4.74
C PRO A 96 23.09 3.31 -3.28
N HIS A 97 23.28 4.44 -2.62
CA HIS A 97 22.86 4.53 -1.25
C HIS A 97 21.35 4.25 -1.05
N GLN A 98 20.59 4.46 -2.15
CA GLN A 98 19.15 4.39 -2.14
C GLN A 98 18.60 3.17 -2.94
N LEU A 99 19.51 2.28 -3.41
CA LEU A 99 19.09 1.17 -4.26
C LEU A 99 19.26 -0.10 -3.39
N TRP A 100 18.25 -0.98 -3.47
CA TRP A 100 18.10 -2.14 -2.54
C TRP A 100 17.67 -3.33 -3.38
N THR A 101 18.50 -4.40 -3.28
CA THR A 101 18.24 -5.68 -3.91
C THR A 101 17.44 -6.51 -2.88
N ILE A 102 16.24 -6.95 -3.21
CA ILE A 102 15.29 -7.53 -2.27
C ILE A 102 14.93 -8.89 -2.87
N LYS A 103 15.29 -9.96 -2.15
CA LYS A 103 15.04 -11.28 -2.62
C LYS A 103 14.70 -12.23 -1.44
N LYS A 104 14.04 -13.32 -1.71
CA LYS A 104 13.63 -14.19 -0.67
C LYS A 104 14.78 -14.73 0.15
N SER A 105 14.53 -14.80 1.44
CA SER A 105 15.43 -15.41 2.41
C SER A 105 15.43 -16.94 2.27
N SER A 106 16.24 -17.61 3.11
CA SER A 106 16.25 -19.08 3.09
C SER A 106 15.02 -19.69 3.68
N ASP A 107 14.05 -18.93 4.30
CA ASP A 107 12.79 -19.48 4.69
C ASP A 107 11.75 -19.45 3.52
N GLY A 108 12.12 -18.87 2.40
CA GLY A 108 11.23 -18.85 1.18
C GLY A 108 10.07 -17.87 1.26
N THR A 109 9.84 -17.22 2.42
CA THR A 109 8.69 -16.37 2.59
CA THR A 109 8.70 -16.33 2.56
C THR A 109 9.09 -14.92 2.93
N SER A 110 9.93 -14.74 3.93
CA SER A 110 10.54 -13.46 4.18
C SER A 110 11.59 -13.16 3.14
N TYR A 111 12.04 -11.87 3.14
CA TYR A 111 12.99 -11.36 2.24
C TYR A 111 14.25 -10.85 3.03
N LYS A 112 15.39 -10.80 2.36
CA LYS A 112 16.48 -9.94 2.81
C LYS A 112 16.55 -8.71 1.95
N ILE A 113 17.11 -7.59 2.51
CA ILE A 113 17.12 -6.31 1.86
C ILE A 113 18.59 -5.89 1.82
N GLN A 114 19.24 -5.99 0.64
CA GLN A 114 20.65 -5.75 0.48
C GLN A 114 20.93 -4.40 -0.20
N ASN A 115 21.79 -3.56 0.37
CA ASN A 115 22.14 -2.36 -0.35
C ASN A 115 22.94 -2.66 -1.59
N TYR A 116 22.56 -2.06 -2.74
CA TYR A 116 23.20 -2.43 -3.99
C TYR A 116 24.67 -2.02 -4.08
N GLY A 117 25.02 -0.89 -3.48
CA GLY A 117 26.43 -0.46 -3.45
C GLY A 117 27.31 -1.16 -2.41
N SER A 118 26.77 -1.27 -1.16
CA SER A 118 27.59 -1.87 -0.07
C SER A 118 27.59 -3.40 -0.03
N LYS A 119 26.52 -4.01 -0.51
CA LYS A 119 26.26 -5.47 -0.36
C LYS A 119 26.02 -5.88 1.09
N THR A 120 25.76 -4.89 1.97
CA THR A 120 25.32 -5.22 3.32
C THR A 120 23.80 -5.21 3.43
N PHE A 121 23.32 -5.71 4.56
CA PHE A 121 21.88 -6.02 4.69
C PHE A 121 21.18 -5.20 5.79
N VAL A 122 19.93 -4.83 5.56
CA VAL A 122 19.09 -4.17 6.56
C VAL A 122 18.89 -5.07 7.73
N ASP A 123 19.25 -4.59 8.92
CA ASP A 123 19.36 -5.39 10.11
C ASP A 123 18.70 -4.67 11.31
N LEU A 124 17.72 -5.29 11.96
CA LEU A 124 17.14 -4.83 13.23
C LEU A 124 18.17 -5.18 14.30
N VAL A 125 18.90 -4.17 14.80
CA VAL A 125 20.09 -4.48 15.60
C VAL A 125 19.70 -5.20 16.87
N ASN A 126 20.34 -6.35 17.08
CA ASN A 126 20.14 -7.18 18.25
CA ASN A 126 20.19 -7.18 18.24
C ASN A 126 18.75 -7.84 18.30
N GLY A 127 17.97 -7.73 17.21
CA GLY A 127 16.58 -8.20 17.26
C GLY A 127 15.74 -7.49 18.27
N ASP A 128 16.08 -6.23 18.52
CA ASP A 128 15.44 -5.45 19.59
C ASP A 128 14.03 -5.09 19.17
N SER A 129 13.04 -5.52 19.95
CA SER A 129 11.67 -5.26 19.71
C SER A 129 11.12 -3.95 20.20
N SER A 130 11.93 -3.17 20.93
N SER A 130 12.02 -3.14 20.80
CA SER A 130 11.39 -1.96 21.54
CA SER A 130 11.62 -1.87 21.43
C SER A 130 11.16 -0.87 20.41
C SER A 130 11.11 -0.89 20.32
N ASP A 131 10.26 0.04 20.73
CA ASP A 131 9.90 1.07 19.78
C ASP A 131 11.07 2.02 19.62
N GLY A 132 11.54 2.23 18.40
CA GLY A 132 12.65 3.09 18.17
C GLY A 132 14.02 2.40 18.05
N ALA A 133 14.01 1.10 18.06
CA ALA A 133 15.26 0.30 17.94
C ALA A 133 15.94 0.62 16.62
N LYS A 134 17.26 0.76 16.68
CA LYS A 134 18.03 1.05 15.51
C LYS A 134 17.92 -0.05 14.41
N ILE A 135 17.78 0.44 13.19
CA ILE A 135 17.95 -0.39 11.97
C ILE A 135 19.24 0.11 11.30
N ALA A 136 20.14 -0.84 10.93
CA ALA A 136 21.40 -0.53 10.33
C ALA A 136 21.77 -1.40 9.18
N GLY A 137 22.68 -0.99 8.35
CA GLY A 137 23.33 -1.90 7.43
C GLY A 137 24.35 -2.80 8.16
N TRP A 138 24.39 -4.07 7.73
CA TRP A 138 25.22 -5.01 8.48
C TRP A 138 25.73 -6.06 7.53
N THR A 139 26.87 -6.62 7.87
CA THR A 139 27.39 -7.73 7.12
CA THR A 139 27.41 -7.77 7.19
C THR A 139 26.40 -8.93 7.26
N GLY A 140 26.37 -9.79 6.24
CA GLY A 140 25.50 -10.93 6.24
C GLY A 140 25.63 -11.70 4.98
N THR A 141 24.79 -12.74 4.93
CA THR A 141 24.70 -13.62 3.77
C THR A 141 23.29 -13.78 3.27
N TRP A 142 23.14 -14.12 1.99
CA TRP A 142 21.79 -14.33 1.47
C TRP A 142 21.06 -15.50 2.08
N ASP A 143 21.82 -16.54 2.49
CA ASP A 143 21.26 -17.86 2.84
C ASP A 143 21.02 -18.10 4.37
N GLU A 144 21.69 -17.31 5.17
CA GLU A 144 21.64 -17.62 6.60
C GLU A 144 20.28 -17.37 7.27
N GLY A 145 20.03 -17.97 8.43
CA GLY A 145 18.77 -17.91 9.08
C GLY A 145 18.52 -16.67 9.91
N ASN A 146 19.58 -15.86 10.21
CA ASN A 146 19.52 -14.77 11.21
C ASN A 146 18.25 -13.91 11.00
N PRO A 147 17.35 -13.94 12.02
CA PRO A 147 16.02 -13.22 11.88
C PRO A 147 16.21 -11.69 11.96
N HIS A 148 17.37 -11.23 12.48
CA HIS A 148 17.60 -9.80 12.50
C HIS A 148 17.58 -9.20 11.10
N GLN A 149 17.85 -9.98 10.09
CA GLN A 149 18.01 -9.52 8.70
C GLN A 149 16.87 -10.07 7.78
N LYS A 150 15.85 -10.61 8.34
CA LYS A 150 14.72 -11.18 7.57
C LYS A 150 13.52 -10.28 7.75
N TRP A 151 12.73 -10.12 6.68
CA TRP A 151 11.64 -9.12 6.66
C TRP A 151 10.49 -9.64 5.83
N TYR A 152 9.31 -9.63 6.39
CA TYR A 152 8.14 -9.97 5.66
C TYR A 152 7.65 -8.71 4.93
N PHE A 153 7.46 -8.84 3.63
CA PHE A 153 6.91 -7.69 2.82
C PHE A 153 5.39 -7.91 2.68
N ASN A 154 4.61 -7.33 3.60
CA ASN A 154 3.22 -7.53 3.57
CA ASN A 154 3.14 -7.45 3.68
C ASN A 154 2.55 -6.46 2.65
N ARG A 155 2.01 -7.00 1.58
CA ARG A 155 1.58 -6.20 0.47
C ARG A 155 0.19 -5.50 0.82
N MET A 156 0.25 -4.15 0.65
CA MET A 156 -0.92 -3.29 0.97
CA MET A 156 -0.85 -3.24 1.01
C MET A 156 -1.58 -2.63 -0.22
N SER A 157 -1.07 -2.94 -1.42
CA SER A 157 -1.61 -2.41 -2.67
C SER A 157 -2.01 -3.52 -3.61
N VAL A 158 -2.89 -3.15 -4.54
CA VAL A 158 -3.17 -3.98 -5.71
C VAL A 158 -2.80 -3.29 -6.96
N SER A 159 -2.40 -4.09 -7.98
CA SER A 159 -2.31 -3.56 -9.34
C SER A 159 -3.74 -3.39 -9.89
N SER A 160 -3.85 -2.64 -10.99
CA SER A 160 -5.13 -2.64 -11.67
C SER A 160 -5.57 -4.00 -12.12
N ALA A 161 -4.63 -4.83 -12.60
CA ALA A 161 -5.02 -6.19 -13.01
C ALA A 161 -5.58 -7.01 -11.82
N GLU A 162 -4.97 -6.85 -10.61
CA GLU A 162 -5.45 -7.55 -9.43
CA GLU A 162 -5.52 -7.57 -9.40
C GLU A 162 -6.89 -7.08 -9.00
N ALA A 163 -7.13 -5.76 -9.15
CA ALA A 163 -8.45 -5.20 -8.87
C ALA A 163 -9.46 -5.76 -9.88
N GLN A 164 -9.02 -5.81 -11.17
CA GLN A 164 -9.89 -6.35 -12.19
CA GLN A 164 -9.87 -6.42 -12.23
C GLN A 164 -10.29 -7.81 -11.87
N ALA A 165 -9.31 -8.60 -11.38
CA ALA A 165 -9.58 -9.96 -11.03
C ALA A 165 -10.58 -10.14 -9.88
N ALA A 166 -10.43 -9.23 -8.91
CA ALA A 166 -11.34 -9.25 -7.81
C ALA A 166 -12.78 -8.98 -8.22
N ILE A 167 -12.93 -8.02 -9.11
CA ILE A 167 -14.26 -7.71 -9.65
C ILE A 167 -14.82 -8.89 -10.40
N ALA A 168 -13.98 -9.45 -11.28
CA ALA A 168 -14.40 -10.52 -12.20
C ALA A 168 -14.92 -11.77 -11.51
N ARG A 169 -14.46 -12.00 -10.25
CA ARG A 169 -15.06 -13.16 -9.54
CA ARG A 169 -14.92 -13.18 -9.40
C ARG A 169 -16.18 -12.88 -8.62
N ASN A 170 -16.70 -11.65 -8.74
CA ASN A 170 -17.84 -11.35 -7.93
C ASN A 170 -19.09 -12.01 -8.52
N PRO A 171 -20.09 -12.41 -7.74
CA PRO A 171 -21.30 -12.97 -8.33
C PRO A 171 -22.32 -11.93 -8.85
N HIS A 172 -22.03 -10.67 -8.60
CA HIS A 172 -23.06 -9.61 -8.90
C HIS A 172 -22.59 -8.66 -9.98
N ILE A 173 -22.16 -9.25 -11.07
CA ILE A 173 -21.69 -8.51 -12.27
C ILE A 173 -22.64 -8.77 -13.44
N HIS A 174 -23.18 -7.73 -14.02
CA HIS A 174 -24.14 -7.86 -15.13
C HIS A 174 -23.44 -8.34 -16.34
N GLY A 175 -24.23 -9.04 -17.20
CA GLY A 175 -23.65 -9.50 -18.46
C GLY A 175 -23.10 -8.45 -19.34
N THR A 176 -23.62 -7.21 -19.25
CA THR A 176 -23.11 -6.11 -20.11
C THR A 176 -21.97 -5.31 -19.51
N TYR A 177 -21.44 -5.76 -18.33
CA TYR A 177 -20.43 -4.95 -17.61
C TYR A 177 -19.27 -4.52 -18.47
N ARG A 178 -18.88 -3.28 -18.24
CA ARG A 178 -17.67 -2.65 -18.73
C ARG A 178 -16.93 -1.93 -17.63
N GLY A 179 -15.64 -2.18 -17.44
CA GLY A 179 -14.86 -1.46 -16.44
C GLY A 179 -13.92 -0.51 -17.05
N TYR A 180 -13.64 0.61 -16.37
CA TYR A 180 -12.76 1.64 -16.89
C TYR A 180 -11.72 1.92 -15.76
N ILE A 181 -10.52 1.60 -16.08
CA ILE A 181 -9.38 1.62 -15.18
C ILE A 181 -8.67 2.95 -15.33
N LEU A 182 -8.46 3.64 -14.20
CA LEU A 182 -7.93 5.00 -14.16
C LEU A 182 -6.46 5.12 -13.80
N ASP A 183 -5.96 4.17 -12.94
CA ASP A 183 -4.60 4.23 -12.38
C ASP A 183 -4.00 2.85 -12.50
N GLY A 184 -2.81 2.68 -11.97
CA GLY A 184 -2.00 1.44 -12.10
C GLY A 184 -1.79 0.64 -10.82
N GLU A 185 -1.65 1.32 -9.71
CA GLU A 185 -1.31 0.71 -8.41
C GLU A 185 -2.10 1.42 -7.35
N TYR A 186 -2.78 0.68 -6.48
CA TYR A 186 -3.74 1.23 -5.55
C TYR A 186 -3.50 0.74 -4.09
N LEU A 187 -3.40 1.70 -3.17
CA LEU A 187 -3.46 1.40 -1.75
C LEU A 187 -4.85 0.92 -1.37
N VAL A 188 -4.98 -0.26 -0.76
CA VAL A 188 -6.22 -0.78 -0.30
C VAL A 188 -6.47 -0.34 1.08
N LEU A 189 -7.58 0.30 1.38
CA LEU A 189 -7.85 0.84 2.67
C LEU A 189 -8.53 -0.17 3.55
N PRO A 190 -8.12 -0.27 4.86
CA PRO A 190 -9.07 -1.00 5.80
C PRO A 190 -10.44 -0.27 5.80
N ASN A 191 -11.53 -1.01 6.02
CA ASN A 191 -12.83 -0.37 6.08
C ASN A 191 -12.85 0.72 7.18
N ALA A 192 -12.06 0.57 8.23
CA ALA A 192 -12.08 1.63 9.25
C ALA A 192 -11.64 3.01 8.67
N THR A 193 -10.69 3.00 7.72
CA THR A 193 -10.19 4.18 7.09
C THR A 193 -11.13 4.68 6.03
N PHE A 194 -11.64 3.73 5.22
CA PHE A 194 -12.67 4.03 4.15
C PHE A 194 -13.83 4.77 4.85
N THR A 195 -14.33 4.24 5.93
CA THR A 195 -15.38 4.84 6.69
C THR A 195 -15.05 6.22 7.20
N GLN A 196 -13.82 6.36 7.74
CA GLN A 196 -13.41 7.66 8.22
C GLN A 196 -13.50 8.70 7.15
N ILE A 197 -13.00 8.36 5.94
CA ILE A 197 -13.01 9.33 4.84
C ILE A 197 -14.45 9.69 4.52
N TRP A 198 -15.32 8.72 4.49
CA TRP A 198 -16.78 8.99 4.29
C TRP A 198 -17.32 9.91 5.37
N LYS A 199 -17.02 9.64 6.61
CA LYS A 199 -17.51 10.53 7.67
C LYS A 199 -17.04 11.95 7.55
N ASP A 200 -15.80 12.11 7.17
CA ASP A 200 -15.20 13.41 7.08
C ASP A 200 -15.56 14.19 5.79
N SER A 201 -16.18 13.52 4.88
CA SER A 201 -16.56 14.09 3.57
C SER A 201 -17.78 14.99 3.57
N GLY A 202 -18.51 14.90 4.67
CA GLY A 202 -19.87 15.48 4.77
C GLY A 202 -21.03 14.69 4.22
N LEU A 203 -20.73 13.60 3.50
CA LEU A 203 -21.79 12.75 3.01
C LEU A 203 -22.79 12.17 3.97
N PRO A 204 -22.39 11.83 5.23
CA PRO A 204 -23.35 11.36 6.17
C PRO A 204 -24.51 12.31 6.39
N GLY A 205 -24.26 13.58 6.34
CA GLY A 205 -25.30 14.53 6.47
C GLY A 205 -26.06 14.94 5.22
N SER A 206 -25.65 14.46 4.06
CA SER A 206 -26.28 14.92 2.77
C SER A 206 -27.67 14.22 2.62
N LYS A 207 -28.68 15.07 2.25
CA LYS A 207 -30.06 14.58 2.04
C LYS A 207 -30.16 14.08 0.58
N TRP A 208 -30.82 12.92 0.37
CA TRP A 208 -31.19 12.42 -0.93
C TRP A 208 -32.23 13.39 -1.55
N ARG A 209 -31.97 13.79 -2.79
CA ARG A 209 -32.88 14.66 -3.54
C ARG A 209 -32.89 14.24 -4.98
N GLU A 210 -34.15 14.10 -5.52
CA GLU A 210 -34.33 13.62 -6.87
CA GLU A 210 -34.30 13.55 -6.87
C GLU A 210 -33.50 14.36 -7.91
N GLN A 211 -32.62 13.63 -8.60
CA GLN A 211 -31.67 14.06 -9.61
C GLN A 211 -30.54 15.02 -9.13
N ILE A 212 -30.94 16.01 -8.32
CA ILE A 212 -29.97 17.05 -7.95
C ILE A 212 -28.95 16.58 -6.88
N TYR A 213 -29.38 15.59 -6.09
CA TYR A 213 -28.39 14.96 -5.15
C TYR A 213 -28.85 13.56 -4.82
N ASP A 214 -28.68 12.72 -5.84
CA ASP A 214 -29.22 11.33 -5.78
C ASP A 214 -28.04 10.36 -5.84
N CYS A 215 -28.33 9.11 -6.09
CA CYS A 215 -27.29 8.07 -5.92
C CYS A 215 -25.99 8.37 -6.63
N ASP A 216 -26.04 8.84 -7.87
CA ASP A 216 -24.87 9.10 -8.63
C ASP A 216 -23.99 10.22 -7.95
N ASP A 217 -24.69 11.23 -7.39
CA ASP A 217 -23.95 12.30 -6.75
C ASP A 217 -23.24 11.79 -5.44
N PHE A 218 -23.92 10.93 -4.66
CA PHE A 218 -23.24 10.40 -3.48
C PHE A 218 -22.02 9.55 -3.89
N ALA A 219 -22.18 8.69 -4.92
CA ALA A 219 -21.08 7.81 -5.28
C ALA A 219 -19.89 8.54 -5.82
N ILE A 220 -20.13 9.54 -6.68
CA ILE A 220 -19.06 10.34 -7.23
C ILE A 220 -18.38 11.20 -6.15
N ALA A 221 -19.24 11.72 -5.19
CA ALA A 221 -18.64 12.55 -4.17
C ALA A 221 -17.71 11.71 -3.28
N MET A 222 -18.12 10.49 -2.99
CA MET A 222 -17.24 9.55 -2.18
C MET A 222 -15.95 9.31 -2.93
N LYS A 223 -15.99 9.02 -4.21
CA LYS A 223 -14.77 8.78 -4.93
C LYS A 223 -13.85 10.02 -4.96
N ALA A 224 -14.46 11.17 -5.18
CA ALA A 224 -13.67 12.42 -5.13
C ALA A 224 -13.11 12.63 -3.69
N ALA A 225 -13.85 12.31 -2.66
CA ALA A 225 -13.31 12.48 -1.26
C ALA A 225 -12.09 11.58 -1.03
N VAL A 226 -12.14 10.38 -1.55
CA VAL A 226 -11.00 9.48 -1.35
C VAL A 226 -9.80 9.94 -2.15
N GLY A 227 -10.06 10.51 -3.36
CA GLY A 227 -9.00 11.06 -4.14
C GLY A 227 -8.33 12.24 -3.47
N LYS A 228 -9.16 13.11 -2.93
CA LYS A 228 -8.59 14.29 -2.23
C LYS A 228 -7.79 13.86 -0.98
N TRP A 229 -8.32 12.89 -0.24
CA TRP A 229 -7.61 12.35 0.91
C TRP A 229 -6.28 11.77 0.54
N GLY A 230 -6.20 11.05 -0.55
CA GLY A 230 -4.95 10.47 -0.96
C GLY A 230 -3.84 11.51 -1.16
N ALA A 231 -4.16 12.57 -1.94
CA ALA A 231 -3.19 13.60 -2.19
C ALA A 231 -2.81 14.39 -0.94
N ASP A 232 -3.83 14.66 -0.11
CA ASP A 232 -3.57 15.48 1.12
C ASP A 232 -2.83 14.73 2.17
N SER A 233 -2.85 13.41 2.09
CA SER A 233 -2.30 12.55 3.19
C SER A 233 -0.92 12.02 2.98
N TRP A 234 -0.52 11.86 1.71
CA TRP A 234 0.76 11.19 1.34
C TRP A 234 1.61 12.03 0.48
N LYS A 235 2.90 12.07 0.71
CA LYS A 235 3.82 12.84 -0.09
C LYS A 235 4.47 12.09 -1.24
N ALA A 236 4.53 10.74 -1.20
CA ALA A 236 5.07 9.97 -2.31
C ALA A 236 4.06 10.05 -3.50
N ASN A 237 4.60 9.81 -4.70
CA ASN A 237 3.83 9.77 -5.94
C ASN A 237 3.89 8.36 -6.51
N GLY A 238 3.10 8.12 -7.55
CA GLY A 238 3.23 6.86 -8.29
C GLY A 238 2.22 5.77 -7.88
N PHE A 239 1.17 6.11 -7.14
CA PHE A 239 0.14 5.15 -6.75
C PHE A 239 -1.14 5.98 -6.51
N ALA A 240 -2.27 5.32 -6.42
CA ALA A 240 -3.55 5.90 -6.10
C ALA A 240 -4.19 5.17 -4.92
N ILE A 241 -5.31 5.65 -4.45
CA ILE A 241 -6.10 5.06 -3.39
C ILE A 241 -7.24 4.28 -4.02
N PHE A 242 -7.56 3.05 -3.56
CA PHE A 242 -8.66 2.28 -4.15
C PHE A 242 -10.02 2.76 -3.65
N CYS A 243 -10.85 3.24 -4.59
CA CYS A 243 -12.23 3.54 -4.31
C CYS A 243 -12.98 3.52 -5.65
N GLY A 244 -13.86 2.50 -5.86
CA GLY A 244 -14.55 2.43 -7.15
C GLY A 244 -15.93 3.04 -7.06
N VAL A 245 -16.45 3.40 -8.24
CA VAL A 245 -17.89 3.71 -8.45
C VAL A 245 -18.43 2.59 -9.35
N MET A 246 -19.60 2.17 -9.02
CA MET A 246 -20.38 1.25 -9.86
C MET A 246 -21.77 1.82 -10.19
N LEU A 247 -22.24 1.50 -11.38
CA LEU A 247 -23.61 1.59 -11.77
C LEU A 247 -24.15 0.21 -11.89
N GLY A 248 -25.31 -0.10 -11.33
CA GLY A 248 -25.91 -1.45 -11.36
C GLY A 248 -27.39 -1.46 -11.63
N VAL A 249 -27.92 -2.62 -12.00
CA VAL A 249 -29.31 -2.85 -12.28
C VAL A 249 -29.78 -4.03 -11.49
N ASN A 250 -31.05 -3.96 -11.01
CA ASN A 250 -31.58 -5.04 -10.22
C ASN A 250 -31.93 -6.27 -11.06
N LYS A 251 -32.29 -7.37 -10.39
CA LYS A 251 -32.58 -8.58 -11.10
C LYS A 251 -33.77 -8.49 -12.05
N ALA A 252 -34.81 -7.72 -11.69
CA ALA A 252 -35.97 -7.56 -12.54
C ALA A 252 -35.72 -6.66 -13.76
N GLY A 253 -34.63 -5.93 -13.76
CA GLY A 253 -34.34 -5.02 -14.86
C GLY A 253 -35.10 -3.73 -14.80
N ASP A 254 -35.69 -3.37 -13.64
CA ASP A 254 -36.53 -2.18 -13.58
C ASP A 254 -36.11 -1.14 -12.56
N ALA A 255 -34.96 -1.29 -11.99
CA ALA A 255 -34.41 -0.24 -11.07
C ALA A 255 -32.89 -0.27 -11.24
N ALA A 256 -32.24 0.90 -11.17
CA ALA A 256 -30.80 0.98 -11.21
C ALA A 256 -30.32 1.93 -10.13
N HIS A 257 -29.07 1.76 -9.77
CA HIS A 257 -28.47 2.41 -8.62
C HIS A 257 -27.01 2.66 -8.83
N ALA A 258 -26.48 3.70 -8.20
CA ALA A 258 -25.06 4.08 -8.18
C ALA A 258 -24.51 3.94 -6.77
N TYR A 259 -23.30 3.38 -6.63
CA TYR A 259 -22.73 3.08 -5.33
C TYR A 259 -21.24 2.99 -5.46
N ASN A 260 -20.54 2.58 -4.39
CA ASN A 260 -19.09 2.46 -4.43
C ASN A 260 -18.67 0.99 -4.14
N PHE A 261 -17.37 0.77 -4.27
CA PHE A 261 -16.83 -0.51 -3.88
C PHE A 261 -15.43 -0.37 -3.42
N THR A 262 -15.04 -1.34 -2.54
CA THR A 262 -13.67 -1.42 -2.00
C THR A 262 -13.28 -2.92 -2.14
N LEU A 263 -12.11 -3.27 -1.54
CA LEU A 263 -11.60 -4.66 -1.62
CA LEU A 263 -11.57 -4.63 -1.63
C LEU A 263 -11.49 -5.26 -0.24
N THR A 264 -11.62 -6.58 -0.18
CA THR A 264 -11.38 -7.31 1.10
C THR A 264 -9.96 -7.12 1.61
N LYS A 265 -9.78 -7.50 2.88
CA LYS A 265 -8.45 -7.52 3.47
C LYS A 265 -7.42 -8.41 2.72
N ASP A 266 -7.92 -9.52 2.16
CA ASP A 266 -7.11 -10.46 1.38
C ASP A 266 -6.90 -10.06 -0.02
N HIS A 267 -7.52 -8.92 -0.42
CA HIS A 267 -7.41 -8.38 -1.76
C HIS A 267 -8.02 -9.20 -2.90
N ALA A 268 -8.67 -10.27 -2.56
CA ALA A 268 -9.21 -11.23 -3.54
C ALA A 268 -10.61 -10.89 -4.00
N ASP A 269 -11.39 -10.13 -3.25
CA ASP A 269 -12.80 -9.90 -3.56
C ASP A 269 -13.17 -8.43 -3.35
N ILE A 270 -14.25 -7.99 -3.97
CA ILE A 270 -14.76 -6.66 -3.75
C ILE A 270 -15.91 -6.72 -2.68
N VAL A 271 -16.20 -5.57 -2.11
CA VAL A 271 -17.25 -5.34 -1.14
C VAL A 271 -17.96 -4.06 -1.55
N PHE A 272 -19.27 -4.05 -1.63
CA PHE A 272 -20.00 -2.81 -2.01
C PHE A 272 -20.19 -1.92 -0.80
N PHE A 273 -20.23 -0.62 -1.10
CA PHE A 273 -20.41 0.43 -0.09
C PHE A 273 -21.49 1.33 -0.55
N GLU A 274 -22.40 1.60 0.40
CA GLU A 274 -23.55 2.49 0.12
C GLU A 274 -23.20 3.84 0.67
N PRO A 275 -22.90 4.82 -0.19
CA PRO A 275 -22.45 6.11 0.29
C PRO A 275 -23.62 6.95 0.92
N GLN A 276 -24.87 6.56 0.74
CA GLN A 276 -25.97 7.24 1.42
C GLN A 276 -26.09 6.84 2.92
N ASN A 277 -25.38 5.75 3.33
CA ASN A 277 -25.51 5.36 4.80
C ASN A 277 -24.27 4.75 5.44
N GLY A 278 -23.19 4.57 4.67
CA GLY A 278 -21.94 3.99 5.22
C GLY A 278 -21.93 2.50 5.32
N GLY A 279 -22.95 1.84 4.80
CA GLY A 279 -23.00 0.37 4.97
C GLY A 279 -22.08 -0.33 3.99
N TYR A 280 -21.51 -1.49 4.43
CA TYR A 280 -20.81 -2.39 3.53
C TYR A 280 -21.68 -3.62 3.31
N LEU A 281 -21.74 -4.09 2.05
CA LEU A 281 -22.64 -5.19 1.71
CA LEU A 281 -22.64 -5.17 1.67
C LEU A 281 -21.90 -6.12 0.72
N ASN A 282 -22.04 -7.46 0.94
CA ASN A 282 -21.61 -8.43 -0.05
C ASN A 282 -22.57 -8.50 -1.22
N ASP A 283 -23.79 -8.11 -0.98
CA ASP A 283 -24.85 -8.06 -2.01
C ASP A 283 -25.64 -6.78 -1.81
N ILE A 284 -25.53 -5.82 -2.73
CA ILE A 284 -26.25 -4.57 -2.62
C ILE A 284 -27.60 -4.58 -3.30
N GLY A 285 -27.92 -5.68 -3.94
CA GLY A 285 -29.20 -5.85 -4.62
C GLY A 285 -29.14 -5.45 -6.12
N TYR A 286 -27.95 -5.13 -6.65
CA TYR A 286 -27.73 -4.76 -8.04
C TYR A 286 -26.58 -5.44 -8.66
N ASP A 287 -26.75 -5.79 -9.92
CA ASP A 287 -25.61 -6.32 -10.75
C ASP A 287 -24.89 -5.18 -11.47
N SER A 288 -23.60 -5.02 -11.32
CA SER A 288 -22.89 -3.86 -11.91
C SER A 288 -22.81 -3.98 -13.40
N TYR A 289 -23.25 -2.93 -14.13
CA TYR A 289 -23.01 -2.81 -15.53
C TYR A 289 -21.94 -1.89 -15.97
N MET A 290 -21.42 -1.08 -15.06
CA MET A 290 -20.31 -0.20 -15.31
C MET A 290 -19.54 0.04 -14.01
N ALA A 291 -18.20 0.13 -14.12
CA ALA A 291 -17.41 0.61 -12.94
C ALA A 291 -16.35 1.44 -13.44
N PHE A 292 -15.92 2.39 -12.63
CA PHE A 292 -14.66 3.14 -12.86
C PHE A 292 -13.92 3.21 -11.52
N TYR A 293 -12.58 3.12 -11.60
CA TYR A 293 -11.74 3.03 -10.40
C TYR A 293 -10.32 3.22 -10.79
#